data_1M0O
#
_entry.id   1M0O
#
_cell.length_a   152.840
_cell.length_b   152.840
_cell.length_c   86.360
_cell.angle_alpha   90.00
_cell.angle_beta   90.00
_cell.angle_gamma   120.00
#
_symmetry.space_group_name_H-M   'P 64 2 2'
#
loop_
_entity.id
_entity.type
_entity.pdbx_description
1 polymer '2,2-Dialkylglycine decarboxylase'
2 non-polymer 'POTASSIUM ION'
3 non-polymer 'SODIUM ION'
4 non-polymer '(1R)-1-[((1E)-{3-HYDROXY-2-METHYL-5-[(PHOSPHONOOXY)METHYL]PYRIDIN-4-YL}METHYLENE)AMINO]-1-METHYLPROPYLPHOSPHONIC ACID'
5 water water
#
_entity_poly.entity_id   1
_entity_poly.type   'polypeptide(L)'
_entity_poly.pdbx_seq_one_letter_code
;MSLNDDATFWRNARHHLVRYGGTFEPMIIERAKGSFVYDADGRAILDFTSGQMSAVLGHCHPEIVSVIGEYAGKLDHLFS
EMLSRPVVDLATRLANITPPGLDRALLLSTGAESNEAAIRMAKLVTGKYEIVGFAQSWHGMTGAAASATYSAGRKGVGPA
AVGSFAIPAPFTYRPRFERNGAYDYLAELDYAFDLIDRQSSGNLAAFIAEPILSSGGIIELPDGYMAALKRKCEARGMLL
ILDEAQTGVGRTGTMFACQRDGVTPDILTLSKTLGAGLPLAAIVTSAAIEERAHELGYLFYTTHVSDPLPAAVGLRVLDV
VQRDGLVARANVMGDRLRRGLLDLMERFDCIGDVRGRGLLLGVEIVKDRRTKEPADGLGAKITRECMNLGLSMNIVQLPG
MGGVFRIAPPLTVSEDEIDLGLSLLGQAIERAL
;
_entity_poly.pdbx_strand_id   A
#
loop_
_chem_comp.id
_chem_comp.type
_chem_comp.name
_chem_comp.formula
K non-polymer 'POTASSIUM ION' 'K 1'
MPM non-polymer '(1R)-1-[((1E)-{3-HYDROXY-2-METHYL-5-[(PHOSPHONOOXY)METHYL]PYRIDIN-4-YL}METHYLENE)AMINO]-1-METHYLPROPYLPHOSPHONIC ACID' 'C12 H20 N2 O8 P2'
NA non-polymer 'SODIUM ION' 'Na 1'
#
# COMPACT_ATOMS: atom_id res chain seq x y z
N LEU A 3 20.42 -13.81 -23.54
CA LEU A 3 20.72 -13.96 -22.09
C LEU A 3 20.71 -12.73 -21.19
N ASN A 4 20.51 -13.02 -19.96
CA ASN A 4 20.44 -12.00 -19.01
C ASN A 4 21.83 -11.50 -18.72
N ASP A 5 22.85 -12.16 -19.24
CA ASP A 5 24.23 -11.74 -18.91
C ASP A 5 24.85 -10.53 -19.61
N ASP A 6 24.15 -9.99 -20.61
CA ASP A 6 24.62 -8.80 -21.33
C ASP A 6 25.56 -7.94 -20.47
N ALA A 7 26.85 -8.14 -20.75
CA ALA A 7 27.91 -7.52 -20.03
C ALA A 7 27.98 -6.02 -20.20
N THR A 8 27.55 -5.53 -21.33
CA THR A 8 27.53 -4.12 -21.53
C THR A 8 26.42 -3.57 -20.63
N PHE A 9 25.31 -4.28 -20.61
CA PHE A 9 24.17 -3.89 -19.82
C PHE A 9 24.59 -3.86 -18.35
N TRP A 10 25.19 -4.93 -17.87
CA TRP A 10 25.59 -4.86 -16.48
C TRP A 10 26.72 -3.87 -16.16
N ARG A 11 27.56 -3.60 -17.15
CA ARG A 11 28.63 -2.67 -16.97
C ARG A 11 28.01 -1.32 -16.70
N ASN A 12 27.12 -0.91 -17.61
CA ASN A 12 26.48 0.37 -17.43
C ASN A 12 25.65 0.52 -16.23
N ALA A 13 24.98 -0.57 -15.82
CA ALA A 13 24.15 -0.56 -14.64
C ALA A 13 25.04 -0.27 -13.46
N ARG A 14 26.17 -0.94 -13.40
CA ARG A 14 27.11 -0.70 -12.29
C ARG A 14 27.69 0.71 -12.32
N HIS A 15 28.00 1.19 -13.50
CA HIS A 15 28.61 2.52 -13.56
C HIS A 15 27.65 3.68 -13.36
N HIS A 16 26.43 3.54 -13.84
CA HIS A 16 25.57 4.67 -13.88
C HIS A 16 24.32 4.73 -13.10
N LEU A 17 24.05 3.78 -12.24
CA LEU A 17 22.86 3.91 -11.45
C LEU A 17 23.13 4.20 -10.03
N VAL A 18 22.29 4.98 -9.47
CA VAL A 18 22.36 5.20 -8.08
C VAL A 18 21.61 4.04 -7.41
N ARG A 19 22.24 3.46 -6.42
CA ARG A 19 21.57 2.38 -5.62
C ARG A 19 20.67 3.04 -4.57
N TYR A 20 19.48 2.50 -4.38
CA TYR A 20 18.51 3.20 -3.52
C TYR A 20 17.74 2.35 -2.63
N GLY A 21 18.26 1.18 -2.40
CA GLY A 21 17.64 0.25 -1.46
C GLY A 21 17.51 -1.13 -2.05
N GLY A 22 17.83 -2.14 -1.26
CA GLY A 22 17.68 -3.47 -1.75
C GLY A 22 18.77 -3.80 -2.74
N THR A 23 18.45 -4.73 -3.62
CA THR A 23 19.45 -5.20 -4.52
C THR A 23 18.79 -5.49 -5.87
N PHE A 24 19.49 -5.26 -6.98
CA PHE A 24 18.89 -5.49 -8.27
C PHE A 24 18.80 -6.98 -8.62
N GLU A 25 17.63 -7.44 -9.05
CA GLU A 25 17.47 -8.80 -9.47
C GLU A 25 18.48 -8.95 -10.61
N PRO A 26 19.10 -10.10 -10.69
CA PRO A 26 20.08 -10.36 -11.73
C PRO A 26 19.42 -10.86 -13.00
N MET A 27 18.53 -10.06 -13.56
CA MET A 27 17.94 -10.45 -14.81
C MET A 27 17.57 -9.16 -15.51
N ILE A 28 17.25 -9.28 -16.78
CA ILE A 28 16.89 -8.14 -17.58
C ILE A 28 15.46 -8.33 -18.07
N ILE A 29 14.56 -7.51 -17.55
CA ILE A 29 13.17 -7.62 -17.94
C ILE A 29 12.98 -6.96 -19.26
N GLU A 30 12.51 -7.78 -20.18
CA GLU A 30 12.33 -7.42 -21.55
C GLU A 30 10.88 -7.02 -21.83
N ARG A 31 9.93 -7.75 -21.30
CA ARG A 31 8.55 -7.38 -21.55
C ARG A 31 7.67 -7.92 -20.49
N ALA A 32 6.43 -7.43 -20.46
CA ALA A 32 5.50 -7.85 -19.44
C ALA A 32 4.10 -7.92 -20.03
N LYS A 33 3.30 -8.87 -19.57
CA LYS A 33 1.91 -9.01 -20.06
C LYS A 33 1.10 -9.73 -19.03
N GLY A 34 -0.06 -9.16 -18.66
CA GLY A 34 -0.94 -9.87 -17.68
C GLY A 34 -0.19 -10.09 -16.39
N SER A 35 -0.31 -11.30 -15.84
CA SER A 35 0.34 -11.66 -14.57
C SER A 35 1.84 -12.07 -14.69
N PHE A 36 2.47 -11.84 -15.85
CA PHE A 36 3.87 -12.25 -16.02
C PHE A 36 4.76 -11.22 -16.53
N VAL A 37 6.01 -11.41 -16.19
CA VAL A 37 7.05 -10.61 -16.81
C VAL A 37 8.03 -11.63 -17.44
N TYR A 38 8.79 -11.15 -18.40
CA TYR A 38 9.73 -12.01 -19.12
C TYR A 38 11.09 -11.48 -19.12
N ASP A 39 12.05 -12.35 -18.79
CA ASP A 39 13.45 -11.94 -18.82
C ASP A 39 14.01 -11.92 -20.22
N ALA A 40 15.28 -11.73 -20.30
CA ALA A 40 15.90 -11.68 -21.60
C ALA A 40 16.01 -13.08 -22.23
N ASP A 41 15.96 -14.13 -21.45
CA ASP A 41 15.97 -15.42 -22.10
C ASP A 41 14.53 -15.79 -22.49
N GLY A 42 13.58 -14.92 -22.25
CA GLY A 42 12.18 -15.22 -22.62
C GLY A 42 11.41 -15.98 -21.51
N ARG A 43 12.07 -16.18 -20.39
CA ARG A 43 11.45 -16.88 -19.31
C ARG A 43 10.31 -16.03 -18.64
N ALA A 44 9.23 -16.69 -18.34
CA ALA A 44 8.07 -16.04 -17.78
C ALA A 44 8.09 -16.10 -16.26
N ILE A 45 7.99 -14.97 -15.62
CA ILE A 45 7.98 -14.95 -14.16
C ILE A 45 6.62 -14.51 -13.73
N LEU A 46 6.01 -15.34 -12.91
CA LEU A 46 4.70 -15.06 -12.37
C LEU A 46 4.92 -13.90 -11.32
N ASP A 47 4.26 -12.78 -11.56
CA ASP A 47 4.40 -11.57 -10.77
C ASP A 47 3.41 -11.43 -9.58
N PHE A 48 3.72 -12.06 -8.50
CA PHE A 48 2.86 -12.07 -7.40
C PHE A 48 2.86 -10.83 -6.57
N THR A 49 3.44 -9.77 -7.08
CA THR A 49 3.37 -8.55 -6.29
C THR A 49 2.84 -7.45 -7.13
N SER A 50 2.39 -7.77 -8.37
CA SER A 50 1.79 -6.71 -9.21
C SER A 50 2.74 -5.58 -9.36
N GLY A 51 3.99 -5.93 -9.71
CA GLY A 51 5.05 -4.94 -9.93
C GLY A 51 5.43 -4.51 -8.57
N GLN A 52 5.41 -3.21 -8.36
CA GLN A 52 5.66 -2.73 -7.02
C GLN A 52 4.29 -2.51 -6.36
N MET A 53 3.48 -3.58 -6.22
CA MET A 53 2.10 -3.51 -5.60
C MET A 53 1.12 -2.54 -6.27
N SER A 54 1.16 -2.39 -7.60
CA SER A 54 0.32 -1.40 -8.26
C SER A 54 -0.57 -1.89 -9.33
N ALA A 55 -0.02 -2.77 -10.20
CA ALA A 55 -0.69 -3.23 -11.44
C ALA A 55 -1.90 -4.11 -11.17
N VAL A 56 -3.00 -3.49 -10.72
CA VAL A 56 -4.20 -4.26 -10.36
C VAL A 56 -4.83 -4.89 -11.57
N LEU A 57 -4.64 -4.31 -12.76
CA LEU A 57 -5.20 -4.92 -13.97
C LEU A 57 -4.17 -5.75 -14.67
N GLY A 58 -3.07 -6.06 -14.00
CA GLY A 58 -1.96 -6.78 -14.67
C GLY A 58 -1.10 -5.85 -15.58
N HIS A 59 -0.07 -6.38 -16.23
CA HIS A 59 0.76 -5.57 -17.07
C HIS A 59 0.18 -5.42 -18.41
N CYS A 60 0.30 -4.23 -18.92
CA CYS A 60 -0.12 -3.97 -20.27
C CYS A 60 -1.54 -4.36 -20.62
N HIS A 61 -2.45 -3.94 -19.78
CA HIS A 61 -3.84 -4.25 -20.01
C HIS A 61 -4.34 -3.46 -21.25
N PRO A 62 -4.91 -4.22 -22.16
CA PRO A 62 -5.36 -3.71 -23.40
C PRO A 62 -6.15 -2.45 -23.31
N GLU A 63 -6.94 -2.28 -22.28
CA GLU A 63 -7.73 -1.05 -22.18
C GLU A 63 -6.91 0.11 -21.74
N ILE A 64 -5.97 -0.19 -20.87
CA ILE A 64 -5.13 0.86 -20.40
C ILE A 64 -4.32 1.34 -21.55
N VAL A 65 -3.88 0.36 -22.33
CA VAL A 65 -3.08 0.59 -23.50
C VAL A 65 -3.85 1.48 -24.46
N SER A 66 -5.12 1.21 -24.71
CA SER A 66 -5.84 2.11 -25.64
C SER A 66 -6.01 3.48 -25.05
N VAL A 67 -6.43 3.56 -23.80
CA VAL A 67 -6.67 4.89 -23.31
C VAL A 67 -5.40 5.67 -23.35
N ILE A 68 -4.29 5.02 -23.04
CA ILE A 68 -3.00 5.73 -23.06
C ILE A 68 -2.64 6.27 -24.41
N GLY A 69 -2.95 5.46 -25.40
CA GLY A 69 -2.68 5.82 -26.77
C GLY A 69 -3.49 7.01 -27.10
N GLU A 70 -4.80 6.89 -26.91
CA GLU A 70 -5.74 7.99 -27.20
C GLU A 70 -5.18 9.38 -26.72
N TYR A 71 -4.94 9.47 -25.44
CA TYR A 71 -4.55 10.72 -24.89
C TYR A 71 -3.21 11.27 -25.19
N ALA A 72 -2.25 10.36 -25.31
CA ALA A 72 -0.87 10.79 -25.60
C ALA A 72 -0.91 11.66 -26.83
N GLY A 73 -1.71 11.20 -27.78
CA GLY A 73 -1.93 11.88 -29.04
C GLY A 73 -2.92 13.06 -29.02
N LYS A 74 -3.72 13.22 -27.96
CA LYS A 74 -4.67 14.35 -27.97
C LYS A 74 -4.64 15.41 -26.87
N LEU A 75 -4.39 15.00 -25.62
CA LEU A 75 -4.32 15.95 -24.50
C LEU A 75 -3.33 15.37 -23.57
N ASP A 76 -2.16 15.92 -23.53
CA ASP A 76 -1.15 15.29 -22.72
C ASP A 76 -0.91 15.94 -21.35
N HIS A 77 -0.44 17.17 -21.35
CA HIS A 77 -0.08 17.81 -20.09
C HIS A 77 -0.40 19.29 -20.27
N LEU A 78 -0.85 19.94 -19.20
CA LEU A 78 -1.28 21.33 -19.25
C LEU A 78 -0.83 22.18 -18.12
N PHE A 79 -0.93 23.49 -18.35
CA PHE A 79 -0.71 24.47 -17.33
C PHE A 79 -1.67 24.07 -16.16
N SER A 80 -1.16 24.08 -14.95
CA SER A 80 -1.88 23.57 -13.83
C SER A 80 -3.15 24.33 -13.49
N GLU A 81 -3.41 25.44 -14.19
CA GLU A 81 -4.62 26.14 -13.94
C GLU A 81 -5.74 25.94 -15.01
N MET A 82 -5.47 25.03 -15.93
CA MET A 82 -6.42 24.69 -16.97
C MET A 82 -7.07 23.37 -16.74
N LEU A 83 -8.39 23.34 -16.80
CA LEU A 83 -9.12 22.11 -16.60
C LEU A 83 -9.44 21.43 -17.91
N SER A 84 -9.78 20.14 -17.80
CA SER A 84 -10.14 19.29 -18.92
C SER A 84 -11.09 18.16 -18.39
N ARG A 85 -11.74 17.48 -19.30
CA ARG A 85 -12.68 16.46 -18.89
C ARG A 85 -12.25 15.33 -18.04
N PRO A 86 -11.15 14.68 -18.45
CA PRO A 86 -10.68 13.52 -17.73
C PRO A 86 -10.45 13.90 -16.30
N VAL A 87 -10.04 15.11 -16.10
CA VAL A 87 -9.80 15.52 -14.72
C VAL A 87 -11.06 15.67 -13.95
N VAL A 88 -12.03 16.35 -14.57
CA VAL A 88 -13.30 16.53 -13.90
C VAL A 88 -14.05 15.20 -13.74
N ASP A 89 -14.00 14.38 -14.78
CA ASP A 89 -14.68 13.08 -14.68
C ASP A 89 -14.11 12.22 -13.57
N LEU A 90 -12.79 12.16 -13.51
CA LEU A 90 -12.19 11.33 -12.47
C LEU A 90 -12.50 11.84 -11.03
N ALA A 91 -12.37 13.14 -10.82
CA ALA A 91 -12.66 13.69 -9.50
C ALA A 91 -14.08 13.28 -9.17
N THR A 92 -15.00 13.51 -10.10
CA THR A 92 -16.41 13.18 -9.88
C THR A 92 -16.61 11.70 -9.61
N ARG A 93 -15.95 10.92 -10.42
CA ARG A 93 -16.06 9.54 -10.23
C ARG A 93 -15.63 9.15 -8.79
N LEU A 94 -14.53 9.71 -8.38
CA LEU A 94 -14.05 9.40 -7.06
C LEU A 94 -15.03 9.78 -5.93
N ALA A 95 -15.68 10.94 -6.05
CA ALA A 95 -16.58 11.39 -5.00
C ALA A 95 -17.69 10.35 -4.96
N ASN A 96 -18.12 9.94 -6.13
CA ASN A 96 -19.18 8.98 -6.20
C ASN A 96 -18.93 7.66 -5.69
N ILE A 97 -17.73 7.12 -5.81
CA ILE A 97 -17.60 5.72 -5.33
C ILE A 97 -17.05 5.63 -3.95
N THR A 98 -16.69 6.78 -3.40
CA THR A 98 -16.22 6.77 -2.05
C THR A 98 -17.43 7.02 -1.26
N PRO A 99 -17.33 6.73 -0.01
CA PRO A 99 -18.45 6.98 0.84
C PRO A 99 -18.77 8.47 1.02
N PRO A 100 -19.96 8.64 1.50
CA PRO A 100 -20.53 9.92 1.73
C PRO A 100 -19.60 10.59 2.67
N GLY A 101 -19.37 11.88 2.47
CA GLY A 101 -18.46 12.60 3.32
C GLY A 101 -17.18 12.80 2.55
N LEU A 102 -17.01 12.07 1.46
CA LEU A 102 -15.80 12.23 0.69
C LEU A 102 -16.26 12.81 -0.62
N ASP A 103 -15.99 14.11 -0.78
CA ASP A 103 -16.52 14.92 -1.90
C ASP A 103 -15.66 15.52 -2.91
N ARG A 104 -14.49 15.97 -2.49
CA ARG A 104 -13.61 16.67 -3.39
C ARG A 104 -12.26 16.06 -3.50
N ALA A 105 -11.74 16.02 -4.72
CA ALA A 105 -10.46 15.39 -4.98
C ALA A 105 -9.35 16.27 -5.56
N LEU A 106 -8.11 15.86 -5.29
CA LEU A 106 -6.93 16.53 -5.83
C LEU A 106 -6.08 15.42 -6.49
N LEU A 107 -5.73 15.61 -7.74
CA LEU A 107 -5.04 14.55 -8.50
C LEU A 107 -3.59 14.87 -8.70
N LEU A 108 -2.74 14.04 -8.10
CA LEU A 108 -1.34 14.22 -8.11
C LEU A 108 -0.64 13.06 -8.78
N SER A 109 0.61 12.86 -8.40
CA SER A 109 1.43 11.81 -9.04
C SER A 109 1.87 10.64 -8.20
N THR A 110 2.39 10.91 -7.02
CA THR A 110 2.83 9.77 -6.20
C THR A 110 2.14 9.59 -4.84
N GLY A 111 2.42 8.41 -4.25
CA GLY A 111 1.90 8.05 -2.94
C GLY A 111 2.38 9.04 -1.85
N ALA A 112 3.69 9.30 -1.80
CA ALA A 112 4.20 10.19 -0.80
C ALA A 112 3.65 11.56 -0.99
N GLU A 113 3.51 11.98 -2.25
CA GLU A 113 3.03 13.30 -2.60
C GLU A 113 1.60 13.44 -2.08
N SER A 114 0.81 12.40 -2.32
CA SER A 114 -0.56 12.38 -1.83
C SER A 114 -0.59 12.47 -0.28
N ASN A 115 0.32 11.80 0.39
CA ASN A 115 0.32 11.95 1.85
C ASN A 115 0.77 13.32 2.33
N GLU A 116 1.73 13.90 1.62
CA GLU A 116 2.21 15.25 1.96
C GLU A 116 1.08 16.25 1.80
N ALA A 117 0.29 16.09 0.75
CA ALA A 117 -0.82 17.03 0.49
C ALA A 117 -1.90 16.95 1.57
N ALA A 118 -2.18 15.73 2.01
CA ALA A 118 -3.12 15.46 3.04
C ALA A 118 -2.57 16.05 4.36
N ILE A 119 -1.32 15.76 4.65
CA ILE A 119 -0.76 16.29 5.87
C ILE A 119 -0.72 17.81 5.88
N ARG A 120 -0.38 18.41 4.76
CA ARG A 120 -0.30 19.85 4.73
C ARG A 120 -1.67 20.43 5.00
N MET A 121 -2.65 19.88 4.32
CA MET A 121 -4.01 20.35 4.49
C MET A 121 -4.48 20.19 5.94
N ALA A 122 -4.13 19.09 6.58
CA ALA A 122 -4.60 18.91 7.97
C ALA A 122 -4.01 19.97 8.85
N LYS A 123 -2.76 20.28 8.60
CA LYS A 123 -2.10 21.29 9.39
C LYS A 123 -2.75 22.63 9.17
N LEU A 124 -3.00 22.95 7.90
CA LEU A 124 -3.60 24.25 7.58
C LEU A 124 -4.98 24.36 8.31
N VAL A 125 -5.87 23.42 8.14
CA VAL A 125 -7.18 23.57 8.74
C VAL A 125 -7.21 23.48 10.21
N THR A 126 -6.26 22.79 10.84
CA THR A 126 -6.32 22.70 12.30
C THR A 126 -5.50 23.82 12.93
N GLY A 127 -4.58 24.38 12.18
CA GLY A 127 -3.72 25.40 12.77
C GLY A 127 -2.71 24.71 13.74
N LYS A 128 -2.57 23.39 13.63
CA LYS A 128 -1.67 22.65 14.50
C LYS A 128 -0.70 21.84 13.64
N TYR A 129 0.29 21.19 14.26
CA TYR A 129 1.34 20.54 13.44
C TYR A 129 1.80 19.16 13.90
N GLU A 130 1.33 18.69 15.07
CA GLU A 130 1.78 17.42 15.53
C GLU A 130 1.06 16.30 14.77
N ILE A 131 1.85 15.30 14.25
CA ILE A 131 1.32 14.15 13.47
C ILE A 131 1.61 12.81 14.16
N VAL A 132 0.60 11.92 14.25
CA VAL A 132 0.79 10.63 14.89
C VAL A 132 0.53 9.56 13.89
N GLY A 133 1.40 8.54 13.91
CA GLY A 133 1.32 7.38 13.01
C GLY A 133 1.64 6.14 13.78
N PHE A 134 1.68 5.02 13.08
CA PHE A 134 2.01 3.72 13.71
C PHE A 134 3.46 3.48 13.65
N ALA A 135 3.94 2.75 14.63
CA ALA A 135 5.31 2.48 14.74
C ALA A 135 5.87 1.56 13.67
N GLN A 136 5.02 1.00 12.83
CA GLN A 136 5.50 0.13 11.73
C GLN A 136 4.94 0.58 10.36
N SER A 137 4.69 1.87 10.27
CA SER A 137 4.07 2.43 9.10
C SER A 137 5.04 2.67 8.03
N TRP A 138 4.47 2.96 6.87
CA TRP A 138 5.24 3.45 5.73
C TRP A 138 4.35 4.35 4.92
N HIS A 139 4.68 5.63 4.88
CA HIS A 139 3.90 6.55 4.10
C HIS A 139 4.68 7.25 2.95
N GLY A 140 6.00 7.05 2.84
CA GLY A 140 6.72 7.67 1.72
C GLY A 140 8.10 8.15 2.11
N MET A 141 8.89 8.51 1.12
CA MET A 141 10.30 8.96 1.36
C MET A 141 10.46 10.45 1.50
N THR A 142 9.44 11.26 1.09
CA THR A 142 9.52 12.75 1.20
C THR A 142 9.28 13.17 2.60
N GLY A 143 9.94 14.27 2.94
CA GLY A 143 9.92 14.85 4.28
C GLY A 143 8.86 14.46 5.30
N ALA A 144 7.67 14.96 5.06
CA ALA A 144 6.62 14.76 6.02
C ALA A 144 6.18 13.33 5.99
N ALA A 145 6.07 12.79 4.78
CA ALA A 145 5.65 11.40 4.66
C ALA A 145 6.68 10.52 5.43
N ALA A 146 7.93 10.84 5.25
CA ALA A 146 9.00 10.11 5.91
C ALA A 146 8.98 10.34 7.41
N SER A 147 8.70 11.58 7.83
CA SER A 147 8.61 11.86 9.27
C SER A 147 7.58 11.00 9.98
N ALA A 148 6.59 10.51 9.21
CA ALA A 148 5.56 9.63 9.77
C ALA A 148 5.75 8.16 9.41
N THR A 149 6.89 7.82 8.83
CA THR A 149 7.16 6.46 8.40
C THR A 149 8.01 5.82 9.46
N TYR A 150 7.56 4.75 10.06
CA TYR A 150 8.35 4.22 11.09
C TYR A 150 8.87 2.85 10.88
N SER A 151 8.47 2.16 9.84
CA SER A 151 8.94 0.78 9.70
C SER A 151 10.41 0.81 9.33
N ALA A 152 10.87 1.90 8.76
CA ALA A 152 12.30 2.02 8.42
C ALA A 152 12.68 3.45 8.03
N GLY A 153 13.95 3.63 7.71
CA GLY A 153 14.51 4.89 7.18
C GLY A 153 14.78 6.07 8.12
N ARG A 154 14.50 5.96 9.43
CA ARG A 154 14.67 7.10 10.36
C ARG A 154 16.09 7.51 10.75
N LYS A 155 17.05 6.59 10.68
CA LYS A 155 18.39 6.90 11.12
C LYS A 155 19.32 7.53 10.10
N GLY A 156 20.22 8.38 10.57
CA GLY A 156 21.31 9.00 9.76
C GLY A 156 20.99 10.16 8.85
N VAL A 157 19.73 10.58 8.79
CA VAL A 157 19.34 11.60 7.82
C VAL A 157 18.88 12.88 8.49
N GLY A 158 19.35 13.09 9.74
CA GLY A 158 18.95 14.30 10.51
C GLY A 158 17.63 14.18 11.26
N PRO A 159 17.25 15.24 11.93
CA PRO A 159 16.00 15.22 12.71
C PRO A 159 14.81 15.06 11.84
N ALA A 160 13.79 14.39 12.37
CA ALA A 160 12.50 14.29 11.69
C ALA A 160 11.77 15.62 11.90
N ALA A 161 10.61 15.70 11.33
CA ALA A 161 9.79 16.87 11.54
C ALA A 161 9.38 17.02 13.03
N VAL A 162 9.39 18.24 13.47
CA VAL A 162 8.94 18.57 14.79
C VAL A 162 7.50 18.00 15.01
N GLY A 163 7.27 17.44 16.17
CA GLY A 163 5.90 16.96 16.49
C GLY A 163 5.56 15.61 15.87
N SER A 164 6.57 14.81 15.58
CA SER A 164 6.33 13.49 15.05
C SER A 164 6.19 12.53 16.20
N PHE A 165 5.11 11.75 16.23
CA PHE A 165 4.89 10.71 17.29
C PHE A 165 4.38 9.43 16.69
N ALA A 166 4.69 8.31 17.31
CA ALA A 166 4.14 7.04 16.84
C ALA A 166 3.55 6.35 17.99
N ILE A 167 2.56 5.51 17.72
CA ILE A 167 2.03 4.60 18.75
C ILE A 167 2.16 3.13 18.15
N PRO A 168 2.15 2.09 19.00
CA PRO A 168 2.27 0.69 18.48
C PRO A 168 1.00 0.35 17.67
N ALA A 169 1.14 -0.45 16.64
CA ALA A 169 -0.02 -0.84 15.88
C ALA A 169 -0.54 -2.09 16.58
N PRO A 170 -1.84 -2.30 16.56
CA PRO A 170 -2.39 -3.51 17.19
C PRO A 170 -1.92 -4.79 16.34
N PHE A 171 -1.17 -5.72 16.96
CA PHE A 171 -0.69 -6.94 16.21
C PHE A 171 -1.09 -8.16 16.97
N THR A 172 -2.15 -8.80 16.51
CA THR A 172 -2.73 -9.92 17.18
C THR A 172 -1.83 -11.13 17.19
N TYR A 173 -1.06 -11.33 16.13
CA TYR A 173 -0.16 -12.46 16.06
C TYR A 173 0.94 -12.43 17.10
N ARG A 174 1.41 -11.27 17.47
CA ARG A 174 2.45 -11.18 18.47
C ARG A 174 2.02 -10.09 19.48
N PRO A 175 0.93 -10.32 20.19
CA PRO A 175 0.38 -9.39 21.21
C PRO A 175 1.34 -9.06 22.35
N ARG A 176 1.30 -7.81 22.83
CA ARG A 176 2.22 -7.37 23.87
C ARG A 176 1.58 -6.66 24.99
N PHE A 177 0.26 -6.53 24.92
CA PHE A 177 -0.44 -5.76 25.92
C PHE A 177 -1.60 -6.57 26.46
N GLU A 178 -1.59 -6.85 27.74
CA GLU A 178 -2.62 -7.71 28.24
C GLU A 178 -3.51 -7.05 29.27
N ARG A 179 -4.72 -7.56 29.35
CA ARG A 179 -5.70 -7.13 30.33
C ARG A 179 -6.56 -8.31 30.57
N ASN A 180 -6.41 -8.81 31.78
CA ASN A 180 -7.08 -9.99 32.21
C ASN A 180 -6.78 -11.11 31.32
N GLY A 181 -5.51 -11.49 31.32
CA GLY A 181 -5.09 -12.60 30.52
C GLY A 181 -5.61 -12.51 29.10
N ALA A 182 -5.87 -11.29 28.63
CA ALA A 182 -6.32 -11.15 27.26
C ALA A 182 -5.61 -10.00 26.58
N TYR A 183 -5.44 -10.13 25.24
CA TYR A 183 -4.81 -9.07 24.43
C TYR A 183 -5.89 -8.06 24.20
N ASP A 184 -5.85 -7.02 25.00
CA ASP A 184 -6.80 -6.01 24.89
C ASP A 184 -6.20 -4.87 24.05
N TYR A 185 -6.34 -4.98 22.74
CA TYR A 185 -5.82 -3.98 21.85
C TYR A 185 -6.45 -2.56 21.98
N LEU A 186 -7.67 -2.51 22.46
CA LEU A 186 -8.31 -1.22 22.68
C LEU A 186 -7.77 -0.57 23.91
N ALA A 187 -7.50 -1.37 24.95
CA ALA A 187 -6.90 -0.83 26.19
C ALA A 187 -5.50 -0.30 25.81
N GLU A 188 -4.84 -1.03 24.91
CA GLU A 188 -3.53 -0.63 24.42
C GLU A 188 -3.64 0.71 23.73
N LEU A 189 -4.67 0.87 22.92
CA LEU A 189 -4.88 2.12 22.29
C LEU A 189 -5.02 3.23 23.35
N ASP A 190 -5.77 2.98 24.41
CA ASP A 190 -5.95 4.05 25.40
C ASP A 190 -4.71 4.41 26.06
N TYR A 191 -3.94 3.38 26.37
CA TYR A 191 -2.73 3.58 27.07
C TYR A 191 -1.77 4.40 26.18
N ALA A 192 -1.73 4.04 24.94
CA ALA A 192 -0.89 4.77 23.97
C ALA A 192 -1.19 6.26 23.94
N PHE A 193 -2.47 6.57 23.82
CA PHE A 193 -2.90 7.95 23.74
C PHE A 193 -2.67 8.75 24.94
N ASP A 194 -2.74 8.08 26.06
CA ASP A 194 -2.47 8.78 27.26
C ASP A 194 -1.06 9.35 27.21
N LEU A 195 -0.14 8.52 26.77
CA LEU A 195 1.22 8.98 26.69
C LEU A 195 1.31 10.13 25.68
N ILE A 196 0.65 9.96 24.57
CA ILE A 196 0.72 11.00 23.58
C ILE A 196 0.24 12.27 24.20
N ASP A 197 -0.88 12.19 24.86
CA ASP A 197 -1.45 13.40 25.41
C ASP A 197 -0.51 14.04 26.31
N ARG A 198 0.21 13.25 27.05
CA ARG A 198 1.10 13.88 27.96
C ARG A 198 2.34 14.48 27.26
N GLN A 199 2.68 14.03 26.08
CA GLN A 199 3.83 14.62 25.44
C GLN A 199 3.43 15.79 24.56
N SER A 200 2.23 15.78 23.99
CA SER A 200 1.83 16.84 23.07
C SER A 200 2.06 18.25 23.58
N SER A 201 2.33 19.21 22.69
CA SER A 201 2.48 20.61 23.11
C SER A 201 1.11 21.18 22.99
N GLY A 202 0.16 20.31 22.74
CA GLY A 202 -1.18 20.83 22.54
C GLY A 202 -1.35 21.20 21.05
N ASN A 203 -0.64 20.51 20.14
CA ASN A 203 -0.75 20.82 18.73
C ASN A 203 -1.04 19.66 17.84
N LEU A 204 -1.88 18.74 18.33
CA LEU A 204 -2.27 17.53 17.57
C LEU A 204 -3.10 17.85 16.34
N ALA A 205 -2.57 17.54 15.17
CA ALA A 205 -3.29 17.85 13.99
C ALA A 205 -3.99 16.65 13.35
N ALA A 206 -3.33 15.48 13.30
CA ALA A 206 -3.92 14.31 12.61
C ALA A 206 -3.28 13.03 13.00
N PHE A 207 -3.93 11.94 12.64
CA PHE A 207 -3.35 10.66 12.81
C PHE A 207 -3.38 10.14 11.41
N ILE A 208 -2.32 9.51 10.98
CA ILE A 208 -2.27 8.96 9.59
C ILE A 208 -2.11 7.47 9.72
N ALA A 209 -2.86 6.75 8.92
CA ALA A 209 -2.83 5.33 9.09
C ALA A 209 -3.15 4.55 7.86
N GLU A 210 -2.54 3.35 7.73
CA GLU A 210 -2.86 2.38 6.68
C GLU A 210 -3.89 1.38 7.32
N PRO A 211 -4.93 0.99 6.60
CA PRO A 211 -5.97 0.06 7.15
C PRO A 211 -5.33 -1.28 7.42
N ILE A 212 -4.41 -1.65 6.52
CA ILE A 212 -3.60 -2.87 6.66
C ILE A 212 -2.10 -2.42 6.45
N LEU A 213 -1.26 -2.61 7.44
CA LEU A 213 0.15 -2.15 7.37
C LEU A 213 0.86 -3.08 6.47
N SER A 214 1.20 -2.61 5.31
CA SER A 214 1.74 -3.50 4.35
C SER A 214 3.19 -3.76 4.59
N SER A 215 3.97 -2.73 4.48
CA SER A 215 5.40 -2.91 4.68
C SER A 215 5.57 -3.27 6.14
N GLY A 216 4.62 -2.92 6.98
CA GLY A 216 4.78 -3.25 8.36
C GLY A 216 4.65 -4.78 8.57
N GLY A 217 4.25 -5.53 7.56
CA GLY A 217 4.14 -6.98 7.75
C GLY A 217 2.73 -7.48 7.58
N ILE A 218 1.94 -6.79 6.76
CA ILE A 218 0.56 -7.16 6.51
C ILE A 218 -0.17 -7.30 7.80
N ILE A 219 -0.29 -6.20 8.50
CA ILE A 219 -0.98 -6.15 9.74
C ILE A 219 -2.36 -5.49 9.56
N GLU A 220 -3.36 -6.25 9.93
CA GLU A 220 -4.69 -5.82 9.76
C GLU A 220 -5.19 -5.24 11.08
N LEU A 221 -5.82 -4.09 10.99
CA LEU A 221 -6.35 -3.46 12.17
C LEU A 221 -7.54 -4.28 12.61
N PRO A 222 -7.49 -4.76 13.82
CA PRO A 222 -8.57 -5.61 14.25
C PRO A 222 -9.93 -4.90 14.50
N ASP A 223 -10.94 -5.76 14.64
CA ASP A 223 -12.32 -5.38 14.85
C ASP A 223 -12.56 -4.29 15.83
N GLY A 224 -13.09 -3.16 15.35
CA GLY A 224 -13.40 -2.08 16.25
C GLY A 224 -12.30 -1.10 16.47
N TYR A 225 -11.10 -1.46 16.04
CA TYR A 225 -9.97 -0.59 16.31
C TYR A 225 -10.14 0.75 15.67
N MET A 226 -10.47 0.69 14.43
CA MET A 226 -10.52 1.88 13.66
C MET A 226 -11.52 2.86 14.17
N ALA A 227 -12.67 2.35 14.52
CA ALA A 227 -13.73 3.16 15.06
C ALA A 227 -13.29 3.79 16.28
N ALA A 228 -12.72 2.97 17.16
CA ALA A 228 -12.19 3.51 18.39
C ALA A 228 -11.09 4.61 18.06
N LEU A 229 -10.28 4.34 17.06
CA LEU A 229 -9.20 5.27 16.71
C LEU A 229 -9.79 6.62 16.27
N LYS A 230 -10.81 6.50 15.45
CA LYS A 230 -11.48 7.66 14.99
C LYS A 230 -12.04 8.51 16.12
N ARG A 231 -12.61 7.85 17.11
CA ARG A 231 -13.10 8.58 18.29
C ARG A 231 -11.96 9.30 19.09
N LYS A 232 -10.83 8.63 19.21
CA LYS A 232 -9.69 9.26 19.90
C LYS A 232 -9.31 10.56 19.21
N CYS A 233 -9.36 10.53 17.88
CA CYS A 233 -9.05 11.72 17.13
C CYS A 233 -10.04 12.77 17.34
N GLU A 234 -11.32 12.41 17.12
CA GLU A 234 -12.40 13.36 17.21
C GLU A 234 -12.39 14.02 18.58
N ALA A 235 -12.16 13.25 19.61
CA ALA A 235 -12.11 13.88 20.91
C ALA A 235 -11.01 14.87 20.97
N ARG A 236 -9.96 14.66 20.21
CA ARG A 236 -8.84 15.58 20.34
C ARG A 236 -8.83 16.66 19.31
N GLY A 237 -9.85 16.70 18.47
CA GLY A 237 -9.88 17.74 17.42
C GLY A 237 -8.83 17.42 16.27
N MET A 238 -8.54 16.15 16.05
CA MET A 238 -7.58 15.76 15.06
C MET A 238 -8.26 15.17 13.88
N LEU A 239 -7.62 15.28 12.71
CA LEU A 239 -8.18 14.59 11.54
C LEU A 239 -7.59 13.20 11.47
N LEU A 240 -8.34 12.36 10.81
CA LEU A 240 -7.95 11.06 10.52
C LEU A 240 -7.68 10.96 9.00
N ILE A 241 -6.44 10.65 8.66
CA ILE A 241 -6.02 10.43 7.28
C ILE A 241 -5.73 8.94 7.06
N LEU A 242 -6.40 8.35 6.10
CA LEU A 242 -6.20 6.93 5.79
C LEU A 242 -5.46 6.83 4.50
N ASP A 243 -4.37 6.15 4.59
CA ASP A 243 -3.52 6.01 3.46
C ASP A 243 -3.89 4.64 2.86
N GLU A 244 -4.61 4.68 1.75
CA GLU A 244 -5.06 3.45 1.07
C GLU A 244 -4.29 3.14 -0.24
N ALA A 245 -3.06 3.61 -0.31
CA ALA A 245 -2.20 3.32 -1.48
C ALA A 245 -2.21 1.85 -1.91
N GLN A 246 -2.15 0.93 -0.95
CA GLN A 246 -2.13 -0.50 -1.32
C GLN A 246 -3.43 -1.13 -1.10
N THR A 247 -4.27 -0.54 -0.28
CA THR A 247 -5.55 -1.15 -0.06
C THR A 247 -6.72 -0.69 -0.97
N GLY A 248 -6.60 0.46 -1.58
CA GLY A 248 -7.72 0.96 -2.32
C GLY A 248 -7.97 0.33 -3.64
N VAL A 249 -9.10 0.68 -4.22
CA VAL A 249 -9.45 0.16 -5.48
C VAL A 249 -9.52 -1.38 -5.59
N GLY A 250 -10.24 -2.00 -4.65
CA GLY A 250 -10.60 -3.42 -4.75
C GLY A 250 -9.77 -4.50 -4.11
N ARG A 251 -8.48 -4.24 -3.95
CA ARG A 251 -7.56 -5.24 -3.46
C ARG A 251 -7.99 -6.09 -2.29
N THR A 252 -8.62 -5.49 -1.29
CA THR A 252 -8.99 -6.24 -0.10
C THR A 252 -10.39 -6.77 -0.13
N GLY A 253 -11.04 -6.71 -1.29
CA GLY A 253 -12.38 -7.25 -1.36
C GLY A 253 -13.52 -6.21 -1.20
N THR A 254 -13.19 -4.94 -0.94
CA THR A 254 -14.16 -3.82 -0.97
C THR A 254 -13.49 -2.78 -1.82
N MET A 255 -14.27 -1.85 -2.36
CA MET A 255 -13.68 -0.82 -3.20
C MET A 255 -12.53 -0.13 -2.41
N PHE A 256 -12.84 0.18 -1.15
CA PHE A 256 -11.88 0.74 -0.20
C PHE A 256 -11.97 0.03 1.13
N ALA A 257 -10.82 -0.16 1.75
CA ALA A 257 -10.79 -0.84 3.01
C ALA A 257 -11.66 -0.18 4.08
N CYS A 258 -11.67 1.15 4.17
CA CYS A 258 -12.46 1.78 5.24
C CYS A 258 -13.95 1.37 5.16
N GLN A 259 -14.41 1.00 3.97
CA GLN A 259 -15.80 0.56 3.84
C GLN A 259 -16.09 -0.63 4.68
N ARG A 260 -15.10 -1.48 4.89
CA ARG A 260 -15.30 -2.66 5.69
C ARG A 260 -15.64 -2.31 7.11
N ASP A 261 -14.97 -1.34 7.66
CA ASP A 261 -15.24 -1.02 9.06
C ASP A 261 -16.37 -0.05 9.17
N GLY A 262 -16.78 0.46 8.04
CA GLY A 262 -17.79 1.45 8.11
C GLY A 262 -17.31 2.71 8.88
N VAL A 263 -16.01 3.06 8.73
CA VAL A 263 -15.48 4.31 9.33
C VAL A 263 -14.90 5.20 8.21
N THR A 264 -15.43 6.42 8.06
CA THR A 264 -14.92 7.27 7.00
C THR A 264 -13.91 8.29 7.47
N PRO A 265 -12.73 8.22 6.94
CA PRO A 265 -11.68 9.13 7.42
C PRO A 265 -11.99 10.50 6.96
N ASP A 266 -11.26 11.46 7.52
CA ASP A 266 -11.36 12.88 7.05
C ASP A 266 -10.70 13.10 5.70
N ILE A 267 -9.58 12.42 5.47
CA ILE A 267 -8.96 12.56 4.20
C ILE A 267 -8.56 11.18 3.84
N LEU A 268 -8.74 10.84 2.60
CA LEU A 268 -8.36 9.55 2.14
C LEU A 268 -7.32 9.79 1.05
N THR A 269 -6.27 8.96 1.04
CA THR A 269 -5.24 9.11 -0.02
C THR A 269 -5.11 7.83 -0.78
N LEU A 270 -4.84 7.95 -2.08
CA LEU A 270 -4.72 6.83 -2.99
C LEU A 270 -3.57 7.05 -3.89
N SER A 271 -3.09 5.96 -4.51
CA SER A 271 -2.00 6.12 -5.45
C SER A 271 -1.69 4.88 -6.27
N LYS A 272 -0.97 3.90 -5.67
CA LYS A 272 -0.47 2.71 -6.43
C LYS A 272 -1.43 2.04 -7.39
N THR A 273 -2.48 1.49 -6.81
CA THR A 273 -3.51 0.77 -7.53
C THR A 273 -4.40 1.70 -8.35
N LEU A 274 -4.49 2.95 -7.95
CA LEU A 274 -5.29 3.85 -8.69
C LEU A 274 -4.66 4.11 -10.03
N GLY A 275 -3.34 4.22 -10.05
CA GLY A 275 -2.69 4.52 -11.32
C GLY A 275 -2.38 3.26 -12.06
N ALA A 276 -2.56 2.11 -11.36
CA ALA A 276 -2.32 0.75 -11.92
C ALA A 276 -0.97 0.65 -12.64
N GLY A 277 0.08 1.31 -12.13
CA GLY A 277 1.37 1.25 -12.75
C GLY A 277 1.86 2.59 -13.16
N LEU A 278 0.97 3.49 -13.52
CA LEU A 278 1.37 4.81 -13.88
C LEU A 278 1.36 5.65 -12.67
N PRO A 279 2.01 6.76 -12.76
CA PRO A 279 2.07 7.62 -11.62
C PRO A 279 0.86 8.54 -11.58
N LEU A 280 -0.10 8.16 -10.77
CA LEU A 280 -1.24 8.98 -10.52
C LEU A 280 -1.52 8.77 -9.06
N ALA A 281 -1.96 9.82 -8.39
CA ALA A 281 -2.30 9.63 -7.01
C ALA A 281 -3.39 10.64 -6.67
N ALA A 282 -3.96 10.53 -5.48
CA ALA A 282 -5.00 11.45 -5.11
C ALA A 282 -5.29 11.53 -3.65
N ILE A 283 -5.95 12.61 -3.30
CA ILE A 283 -6.54 12.71 -1.99
C ILE A 283 -8.01 13.06 -2.20
N VAL A 284 -8.79 12.54 -1.29
CA VAL A 284 -10.20 12.87 -1.29
C VAL A 284 -10.59 13.33 0.11
N THR A 285 -11.34 14.44 0.15
CA THR A 285 -11.81 14.98 1.42
C THR A 285 -13.27 15.45 1.36
N SER A 286 -13.75 15.90 2.50
CA SER A 286 -15.09 16.40 2.60
C SER A 286 -15.11 17.84 2.08
N ALA A 287 -16.28 18.24 1.63
CA ALA A 287 -16.46 19.59 1.15
C ALA A 287 -16.12 20.61 2.24
N ALA A 288 -16.57 20.36 3.47
CA ALA A 288 -16.31 21.29 4.57
C ALA A 288 -14.87 21.50 4.78
N ILE A 289 -14.09 20.41 4.74
CA ILE A 289 -12.67 20.54 4.97
C ILE A 289 -12.07 21.30 3.82
N GLU A 290 -12.50 20.93 2.61
CA GLU A 290 -11.95 21.63 1.49
C GLU A 290 -12.24 23.11 1.53
N GLU A 291 -13.47 23.49 1.89
CA GLU A 291 -13.84 24.88 1.91
C GLU A 291 -13.01 25.65 2.84
N ARG A 292 -12.82 25.08 4.02
CA ARG A 292 -11.98 25.76 5.00
C ARG A 292 -10.50 25.90 4.53
N ALA A 293 -9.94 24.85 3.93
CA ALA A 293 -8.56 24.88 3.46
C ALA A 293 -8.46 25.99 2.42
N HIS A 294 -9.50 26.06 1.64
CA HIS A 294 -9.54 27.08 0.64
C HIS A 294 -9.57 28.48 1.28
N GLU A 295 -10.45 28.73 2.23
CA GLU A 295 -10.44 30.08 2.80
C GLU A 295 -9.11 30.39 3.43
N LEU A 296 -8.42 29.38 3.91
CA LEU A 296 -7.14 29.59 4.57
C LEU A 296 -5.97 29.68 3.57
N GLY A 297 -6.27 29.57 2.30
CA GLY A 297 -5.21 29.66 1.31
C GLY A 297 -4.47 28.36 1.05
N TYR A 298 -5.13 27.20 1.18
CA TYR A 298 -4.43 25.98 0.89
C TYR A 298 -3.67 26.03 -0.46
N LEU A 299 -2.46 25.57 -0.46
CA LEU A 299 -1.69 25.56 -1.67
C LEU A 299 -1.01 24.25 -1.86
N PHE A 300 -1.10 23.69 -3.02
CA PHE A 300 -0.33 22.53 -3.31
C PHE A 300 -0.22 22.45 -4.80
N TYR A 301 0.54 23.36 -5.36
CA TYR A 301 0.63 23.53 -6.80
C TYR A 301 1.89 22.83 -7.38
N THR A 302 1.66 21.86 -8.24
CA THR A 302 2.72 21.06 -8.84
C THR A 302 2.64 21.09 -10.33
N THR A 303 3.62 20.47 -10.93
CA THR A 303 3.68 20.40 -12.37
C THR A 303 2.60 19.51 -12.92
N HIS A 304 2.36 18.39 -12.27
CA HIS A 304 1.48 17.44 -12.88
C HIS A 304 0.14 17.32 -12.23
N VAL A 305 -0.13 18.14 -11.24
CA VAL A 305 -1.44 18.08 -10.65
C VAL A 305 -2.42 18.32 -11.82
N SER A 306 -3.52 17.60 -11.84
CA SER A 306 -4.49 17.86 -12.88
C SER A 306 -4.04 17.67 -14.28
N ASP A 307 -3.10 16.78 -14.51
CA ASP A 307 -2.70 16.46 -15.90
C ASP A 307 -3.70 15.45 -16.51
N PRO A 308 -4.06 15.72 -17.73
CA PRO A 308 -5.08 14.90 -18.37
C PRO A 308 -4.75 13.46 -18.66
N LEU A 309 -3.60 13.23 -19.24
CA LEU A 309 -3.29 11.83 -19.53
C LEU A 309 -3.46 10.84 -18.34
N PRO A 310 -2.74 11.09 -17.28
CA PRO A 310 -2.84 10.22 -16.13
C PRO A 310 -4.26 10.20 -15.64
N ALA A 311 -4.92 11.35 -15.58
CA ALA A 311 -6.31 11.33 -15.05
C ALA A 311 -7.10 10.33 -15.91
N ALA A 312 -6.85 10.36 -17.19
CA ALA A 312 -7.59 9.51 -18.14
C ALA A 312 -7.34 8.07 -17.85
N VAL A 313 -6.11 7.77 -17.53
CA VAL A 313 -5.78 6.42 -17.22
C VAL A 313 -6.56 5.93 -15.97
N GLY A 314 -6.59 6.77 -14.94
CA GLY A 314 -7.27 6.41 -13.67
C GLY A 314 -8.74 6.11 -13.87
N LEU A 315 -9.39 6.92 -14.72
CA LEU A 315 -10.81 6.74 -14.98
C LEU A 315 -11.08 5.35 -15.62
N ARG A 316 -10.25 5.01 -16.58
CA ARG A 316 -10.39 3.75 -17.20
C ARG A 316 -10.20 2.59 -16.23
N VAL A 317 -9.24 2.74 -15.35
CA VAL A 317 -8.98 1.69 -14.38
C VAL A 317 -10.25 1.48 -13.55
N LEU A 318 -10.86 2.57 -13.15
CA LEU A 318 -12.05 2.43 -12.33
C LEU A 318 -13.15 1.78 -13.15
N ASP A 319 -13.27 2.22 -14.37
CA ASP A 319 -14.31 1.64 -15.18
C ASP A 319 -14.15 0.14 -15.24
N VAL A 320 -12.95 -0.27 -15.51
CA VAL A 320 -12.77 -1.66 -15.71
C VAL A 320 -13.07 -2.47 -14.45
N VAL A 321 -12.70 -1.94 -13.33
CA VAL A 321 -12.85 -2.63 -12.09
C VAL A 321 -14.30 -2.87 -11.79
N GLN A 322 -15.07 -1.84 -12.07
CA GLN A 322 -16.47 -1.87 -11.82
C GLN A 322 -17.12 -2.80 -12.80
N ARG A 323 -16.85 -2.53 -14.06
CA ARG A 323 -17.47 -3.29 -15.12
C ARG A 323 -17.22 -4.75 -14.97
N ASP A 324 -16.02 -5.13 -14.59
CA ASP A 324 -15.74 -6.54 -14.44
C ASP A 324 -15.86 -7.13 -13.09
N GLY A 325 -16.46 -6.40 -12.16
CA GLY A 325 -16.64 -6.99 -10.83
C GLY A 325 -15.35 -7.49 -10.30
N LEU A 326 -14.30 -6.72 -10.47
CA LEU A 326 -13.03 -7.18 -9.95
C LEU A 326 -12.94 -7.11 -8.42
N VAL A 327 -13.73 -6.25 -7.79
CA VAL A 327 -13.72 -6.27 -6.31
C VAL A 327 -14.23 -7.62 -5.81
N ALA A 328 -15.27 -8.13 -6.49
CA ALA A 328 -15.85 -9.40 -6.08
C ALA A 328 -14.85 -10.47 -6.41
N ARG A 329 -14.24 -10.38 -7.59
CA ARG A 329 -13.22 -11.38 -7.99
C ARG A 329 -12.12 -11.46 -6.94
N ALA A 330 -11.79 -10.31 -6.37
CA ALA A 330 -10.76 -10.28 -5.35
C ALA A 330 -11.07 -11.18 -4.17
N ASN A 331 -12.34 -11.30 -3.85
CA ASN A 331 -12.69 -12.14 -2.72
C ASN A 331 -12.61 -13.63 -3.10
N VAL A 332 -13.03 -13.93 -4.31
CA VAL A 332 -13.05 -15.31 -4.79
C VAL A 332 -11.60 -15.84 -4.95
N MET A 333 -10.76 -15.12 -5.72
CA MET A 333 -9.38 -15.53 -5.91
C MET A 333 -8.68 -15.47 -4.57
N GLY A 334 -8.95 -14.45 -3.81
CA GLY A 334 -8.30 -14.30 -2.52
C GLY A 334 -8.60 -15.51 -1.70
N ASP A 335 -9.82 -15.96 -1.83
CA ASP A 335 -10.17 -17.09 -1.00
C ASP A 335 -9.47 -18.33 -1.54
N ARG A 336 -9.38 -18.45 -2.85
CA ARG A 336 -8.68 -19.57 -3.41
C ARG A 336 -7.19 -19.55 -2.95
N LEU A 337 -6.54 -18.40 -3.02
CA LEU A 337 -5.15 -18.30 -2.62
C LEU A 337 -4.94 -18.59 -1.13
N ARG A 338 -5.81 -18.02 -0.29
CA ARG A 338 -5.71 -18.22 1.16
C ARG A 338 -5.79 -19.69 1.63
N ARG A 339 -6.75 -20.40 1.08
CA ARG A 339 -6.89 -21.80 1.39
C ARG A 339 -5.60 -22.56 1.01
N GLY A 340 -4.95 -22.19 -0.09
CA GLY A 340 -3.71 -22.84 -0.53
C GLY A 340 -2.62 -22.57 0.41
N LEU A 341 -2.58 -21.35 0.88
CA LEU A 341 -1.55 -20.99 1.82
C LEU A 341 -1.77 -21.76 3.05
N LEU A 342 -3.00 -21.90 3.43
CA LEU A 342 -3.28 -22.64 4.63
C LEU A 342 -2.86 -24.10 4.51
N ASP A 343 -3.00 -24.65 3.31
CA ASP A 343 -2.60 -26.04 3.08
C ASP A 343 -1.10 -26.20 3.22
N LEU A 344 -0.36 -25.21 2.72
CA LEU A 344 1.08 -25.22 2.86
C LEU A 344 1.38 -25.18 4.36
N MET A 345 0.64 -24.35 5.07
CA MET A 345 0.96 -24.21 6.46
C MET A 345 0.72 -25.52 7.20
N GLU A 346 -0.08 -26.40 6.61
CA GLU A 346 -0.34 -27.72 7.20
C GLU A 346 0.89 -28.59 7.01
N ARG A 347 1.40 -28.51 5.79
CA ARG A 347 2.59 -29.23 5.35
C ARG A 347 3.96 -28.77 6.03
N PHE A 348 4.18 -27.45 6.14
CA PHE A 348 5.43 -26.93 6.68
C PHE A 348 5.41 -26.13 7.96
N ASP A 349 6.15 -26.61 8.93
CA ASP A 349 6.24 -25.94 10.22
C ASP A 349 6.70 -24.51 10.25
N CYS A 350 7.43 -24.10 9.21
CA CYS A 350 8.03 -22.79 9.24
C CYS A 350 7.05 -21.68 8.90
N ILE A 351 5.87 -22.09 8.45
CA ILE A 351 4.81 -21.14 8.18
C ILE A 351 4.07 -20.88 9.49
N GLY A 352 4.31 -19.72 10.06
CA GLY A 352 3.70 -19.41 11.35
C GLY A 352 2.33 -18.77 11.27
N ASP A 353 2.06 -18.02 10.21
CA ASP A 353 0.76 -17.37 10.12
C ASP A 353 0.45 -16.98 8.73
N VAL A 354 -0.84 -16.97 8.40
CA VAL A 354 -1.31 -16.48 7.08
C VAL A 354 -2.41 -15.49 7.32
N ARG A 355 -2.18 -14.24 6.94
CA ARG A 355 -3.11 -13.22 7.24
C ARG A 355 -3.36 -12.28 6.10
N GLY A 356 -4.27 -11.34 6.30
CA GLY A 356 -4.60 -10.44 5.21
C GLY A 356 -6.05 -10.54 4.78
N ARG A 357 -6.37 -9.92 3.63
CA ARG A 357 -7.74 -9.85 3.17
C ARG A 357 -7.78 -9.75 1.69
N GLY A 358 -8.75 -10.41 1.09
CA GLY A 358 -8.88 -10.35 -0.33
C GLY A 358 -7.55 -10.80 -0.97
N LEU A 359 -7.03 -9.98 -1.83
CA LEU A 359 -5.81 -10.31 -2.52
C LEU A 359 -4.63 -9.52 -1.96
N LEU A 360 -4.60 -9.33 -0.66
CA LEU A 360 -3.45 -8.65 -0.03
C LEU A 360 -3.21 -9.55 1.19
N LEU A 361 -2.36 -10.51 1.00
CA LEU A 361 -2.11 -11.54 1.93
C LEU A 361 -0.63 -11.55 2.42
N GLY A 362 -0.44 -12.04 3.64
CA GLY A 362 0.89 -12.15 4.23
C GLY A 362 1.17 -13.57 4.75
N VAL A 363 2.38 -14.02 4.60
CA VAL A 363 2.76 -15.28 5.17
C VAL A 363 4.00 -15.03 6.06
N GLU A 364 3.86 -15.26 7.36
CA GLU A 364 4.97 -15.02 8.22
C GLU A 364 5.77 -16.28 8.45
N ILE A 365 7.07 -16.21 8.12
CA ILE A 365 7.99 -17.33 8.29
C ILE A 365 8.57 -17.38 9.68
N VAL A 366 8.50 -18.56 10.20
CA VAL A 366 8.90 -18.77 11.54
C VAL A 366 9.81 -20.07 11.67
N LYS A 367 10.62 -20.11 12.71
CA LYS A 367 11.51 -21.23 13.02
C LYS A 367 10.62 -22.40 13.44
N ASP A 368 9.78 -22.15 14.44
CA ASP A 368 8.80 -23.12 14.93
C ASP A 368 7.46 -22.44 15.37
N ARG A 369 6.36 -23.03 14.89
CA ARG A 369 5.02 -22.55 15.20
C ARG A 369 4.71 -22.33 16.70
N ARG A 370 5.43 -23.02 17.57
CA ARG A 370 5.18 -22.89 19.00
C ARG A 370 5.88 -21.71 19.62
N THR A 371 7.16 -21.57 19.34
CA THR A 371 7.90 -20.44 19.91
C THR A 371 7.65 -19.26 19.07
N LYS A 372 7.27 -19.49 17.80
CA LYS A 372 7.03 -18.34 16.93
C LYS A 372 8.33 -17.56 16.88
N GLU A 373 9.41 -18.28 16.76
CA GLU A 373 10.67 -17.63 16.68
C GLU A 373 11.04 -17.34 15.21
N PRO A 374 11.47 -16.13 14.96
CA PRO A 374 11.80 -15.67 13.60
C PRO A 374 12.77 -16.57 12.94
N ALA A 375 12.44 -16.98 11.74
CA ALA A 375 13.33 -17.82 10.99
C ALA A 375 14.21 -16.98 10.04
N ASP A 376 15.40 -16.70 10.57
CA ASP A 376 16.45 -15.86 9.96
C ASP A 376 17.25 -16.57 8.85
N GLY A 377 17.22 -15.99 7.66
CA GLY A 377 17.95 -16.59 6.53
C GLY A 377 17.02 -17.44 5.69
N LEU A 378 16.19 -18.21 6.38
CA LEU A 378 15.24 -19.06 5.72
C LEU A 378 14.33 -18.33 4.72
N GLY A 379 13.83 -17.16 5.16
CA GLY A 379 12.98 -16.35 4.28
C GLY A 379 13.67 -16.03 2.96
N ALA A 380 14.89 -15.55 3.11
CA ALA A 380 15.68 -15.18 1.95
C ALA A 380 15.90 -16.40 1.03
N LYS A 381 16.09 -17.58 1.61
CA LYS A 381 16.32 -18.76 0.80
C LYS A 381 15.16 -18.98 -0.11
N ILE A 382 14.00 -19.03 0.54
CA ILE A 382 12.77 -19.31 -0.13
C ILE A 382 12.56 -18.36 -1.22
N THR A 383 12.81 -17.10 -0.91
CA THR A 383 12.62 -16.10 -1.90
C THR A 383 13.42 -16.38 -3.16
N ARG A 384 14.68 -16.79 -2.96
CA ARG A 384 15.61 -17.07 -4.07
C ARG A 384 15.16 -18.29 -4.85
N GLU A 385 14.76 -19.32 -4.10
CA GLU A 385 14.26 -20.49 -4.76
C GLU A 385 13.02 -20.13 -5.64
N CYS A 386 12.13 -19.28 -5.12
CA CYS A 386 10.93 -18.89 -5.90
C CYS A 386 11.36 -18.34 -7.24
N MET A 387 12.24 -17.35 -7.14
CA MET A 387 12.74 -16.72 -8.29
C MET A 387 13.26 -17.76 -9.33
N ASN A 388 14.12 -18.69 -8.90
CA ASN A 388 14.64 -19.74 -9.81
C ASN A 388 13.50 -20.47 -10.46
N LEU A 389 12.49 -20.73 -9.65
CA LEU A 389 11.30 -21.46 -10.07
C LEU A 389 10.40 -20.61 -10.97
N GLY A 390 10.68 -19.30 -11.06
CA GLY A 390 9.85 -18.45 -11.93
C GLY A 390 8.68 -17.74 -11.19
N LEU A 391 8.80 -17.52 -9.90
CA LEU A 391 7.75 -16.82 -9.21
C LEU A 391 8.35 -15.66 -8.54
N SER A 392 7.86 -14.49 -8.82
CA SER A 392 8.38 -13.33 -8.14
C SER A 392 7.67 -13.00 -6.85
N MET A 393 8.45 -12.99 -5.78
CA MET A 393 7.97 -12.71 -4.45
C MET A 393 8.69 -11.58 -3.72
N ASN A 394 8.19 -11.24 -2.55
CA ASN A 394 8.76 -10.16 -1.79
C ASN A 394 8.61 -10.44 -0.30
N ILE A 395 9.67 -10.20 0.43
CA ILE A 395 9.61 -10.50 1.86
C ILE A 395 9.98 -9.26 2.59
N VAL A 396 9.43 -9.06 3.78
CA VAL A 396 9.81 -7.86 4.54
C VAL A 396 10.16 -8.38 5.88
N GLN A 397 11.18 -7.80 6.45
CA GLN A 397 11.65 -8.25 7.70
C GLN A 397 11.76 -7.11 8.70
N LEU A 398 11.05 -7.24 9.85
CA LEU A 398 11.15 -6.25 10.96
C LEU A 398 11.71 -6.86 12.25
N PRO A 399 12.33 -6.02 13.08
CA PRO A 399 12.85 -6.50 14.34
C PRO A 399 11.71 -7.17 15.12
N GLY A 400 11.99 -8.31 15.74
CA GLY A 400 10.98 -8.98 16.58
C GLY A 400 9.86 -9.70 15.90
N MET A 401 9.97 -9.82 14.57
CA MET A 401 8.96 -10.48 13.78
C MET A 401 9.67 -11.41 12.88
N GLY A 402 9.00 -12.49 12.47
CA GLY A 402 9.54 -13.37 11.47
C GLY A 402 9.51 -12.59 10.12
N GLY A 403 10.12 -13.15 9.08
CA GLY A 403 10.09 -12.54 7.72
C GLY A 403 8.68 -12.74 7.11
N VAL A 404 8.17 -11.73 6.41
CA VAL A 404 6.83 -11.83 5.85
C VAL A 404 6.76 -11.68 4.40
N PHE A 405 6.16 -12.69 3.72
CA PHE A 405 5.90 -12.60 2.33
C PHE A 405 4.69 -11.81 2.16
N ARG A 406 4.78 -10.89 1.23
CA ARG A 406 3.68 -9.99 0.88
C ARG A 406 3.16 -10.45 -0.47
N ILE A 407 2.00 -11.06 -0.48
CA ILE A 407 1.46 -11.57 -1.73
C ILE A 407 0.33 -10.66 -2.28
N ALA A 408 0.46 -10.20 -3.52
CA ALA A 408 -0.49 -9.27 -4.10
C ALA A 408 -0.52 -9.36 -5.60
N PRO A 409 -1.11 -10.43 -6.06
CA PRO A 409 -1.23 -10.70 -7.50
C PRO A 409 -2.29 -9.76 -8.08
N PRO A 410 -2.30 -9.56 -9.37
CA PRO A 410 -3.32 -8.72 -10.00
C PRO A 410 -4.72 -9.20 -9.69
N LEU A 411 -5.64 -8.25 -9.76
CA LEU A 411 -7.07 -8.52 -9.55
C LEU A 411 -7.55 -9.37 -10.76
N THR A 412 -6.82 -9.29 -11.84
CA THR A 412 -7.13 -10.05 -13.02
C THR A 412 -6.49 -11.43 -12.99
N VAL A 413 -5.78 -11.77 -11.91
CA VAL A 413 -5.13 -13.04 -11.91
C VAL A 413 -6.16 -14.24 -12.19
N SER A 414 -5.71 -15.30 -12.87
CA SER A 414 -6.54 -16.50 -13.17
C SER A 414 -6.41 -17.60 -12.15
N GLU A 415 -7.37 -18.50 -12.15
CA GLU A 415 -7.36 -19.61 -11.21
C GLU A 415 -6.02 -20.39 -11.35
N ASP A 416 -5.65 -20.58 -12.60
CA ASP A 416 -4.44 -21.30 -12.94
C ASP A 416 -3.25 -20.63 -12.37
N GLU A 417 -3.17 -19.34 -12.67
CA GLU A 417 -2.05 -18.61 -12.21
C GLU A 417 -1.95 -18.75 -10.71
N ILE A 418 -3.09 -18.82 -10.03
CA ILE A 418 -3.02 -18.95 -8.60
C ILE A 418 -2.46 -20.27 -8.21
N ASP A 419 -2.91 -21.27 -8.90
CA ASP A 419 -2.53 -22.64 -8.56
C ASP A 419 -1.04 -22.80 -8.79
N LEU A 420 -0.62 -22.30 -9.92
CA LEU A 420 0.78 -22.31 -10.29
C LEU A 420 1.69 -21.68 -9.23
N GLY A 421 1.34 -20.48 -8.83
CA GLY A 421 2.15 -19.82 -7.84
C GLY A 421 2.20 -20.71 -6.62
N LEU A 422 1.05 -21.28 -6.29
CA LEU A 422 0.94 -22.08 -5.09
C LEU A 422 1.86 -23.28 -5.15
N SER A 423 1.97 -23.86 -6.32
CA SER A 423 2.88 -25.00 -6.52
C SER A 423 4.31 -24.56 -6.49
N LEU A 424 4.62 -23.45 -7.18
CA LEU A 424 6.01 -22.97 -7.17
C LEU A 424 6.45 -22.73 -5.74
N LEU A 425 5.60 -22.08 -4.96
CA LEU A 425 5.97 -21.76 -3.58
C LEU A 425 6.19 -22.99 -2.70
N GLY A 426 5.42 -24.02 -2.93
CA GLY A 426 5.58 -25.21 -2.14
C GLY A 426 6.95 -25.79 -2.46
N GLN A 427 7.25 -25.84 -3.74
CA GLN A 427 8.52 -26.35 -4.16
C GLN A 427 9.64 -25.59 -3.63
N ALA A 428 9.51 -24.28 -3.64
CA ALA A 428 10.54 -23.44 -3.16
C ALA A 428 10.74 -23.68 -1.72
N ILE A 429 9.68 -23.91 -0.98
CA ILE A 429 9.92 -24.10 0.43
C ILE A 429 10.62 -25.42 0.67
N GLU A 430 10.28 -26.40 -0.14
CA GLU A 430 10.84 -27.73 -0.03
C GLU A 430 12.34 -27.77 -0.23
N ARG A 431 12.79 -27.20 -1.33
CA ARG A 431 14.21 -27.06 -1.58
C ARG A 431 14.94 -26.22 -0.59
N ALA A 432 14.26 -25.26 -0.02
CA ALA A 432 14.96 -24.37 0.90
C ALA A 432 15.19 -24.89 2.30
N LEU A 433 14.47 -25.93 2.70
CA LEU A 433 14.63 -26.41 4.07
C LEU A 433 15.99 -27.02 4.33
K K B . -0.73 20.31 -14.85
NA NA C . -18.02 9.95 -1.57
C4 MPM D . 4.03 3.38 0.04
C3 MPM D . 3.18 2.63 0.90
C5 MPM D . 3.74 4.78 -0.15
C4A MPM D . 5.25 2.77 -0.69
C2 MPM D . 2.10 3.30 1.55
C6 MPM D . 2.69 5.38 0.53
O1 MPM D . 3.39 1.28 1.12
C5A MPM D . 4.58 5.50 -1.05
N2 MPM D . 5.51 1.54 -0.36
N1 MPM D . 1.90 4.63 1.35
C2A MPM D . 1.18 2.55 2.49
O2 MPM D . 4.41 5.58 -2.39
C MPM D . 6.63 0.71 -0.86
P1 MPM D . 5.47 6.13 -3.35
CA2 MPM D . 7.70 0.75 0.27
CA1 MPM D . 7.44 1.30 -2.12
P2 MPM D . 6.08 -0.85 -1.12
O3 MPM D . 4.96 6.01 -4.70
O5 MPM D . 6.68 5.36 -3.15
O4 MPM D . 5.64 7.54 -3.15
O8 MPM D . 5.34 -0.88 -2.40
O6 MPM D . 7.21 -1.81 -1.23
O7 MPM D . 5.17 -1.30 -0.03
CA3 MPM D . 7.13 0.24 1.60
#